data_8G0K
#
_entry.id   8G0K
#
_cell.length_a   109.770
_cell.length_b   112.272
_cell.length_c   149.057
_cell.angle_alpha   90.00
_cell.angle_beta   90.00
_cell.angle_gamma   90.00
#
_symmetry.space_group_name_H-M   'C 2 2 21'
#
loop_
_entity.id
_entity.type
_entity.pdbx_description
1 polymer 'Ntox15 domain-containing protein'
2 polymer 'DUF1851 domain-containing protein'
3 water water
#
loop_
_entity_poly.entity_id
_entity_poly.type
_entity_poly.pdbx_seq_one_letter_code
_entity_poly.pdbx_strand_id
1 'polypeptide(L)'
;MHHHHHHSNKKSLSVIFVKPPFQLKKKFQKDPFYEIEMRKQLQMQQDGINNMTIFEWLKNRENFKKYGRNPKSKKIQEDF
RDRYRNAKIDEYLLLYEDMDIKAIEAMVDSELEGLAALANPAQIAGGYVDVVTQMGNKRINSSIGSQWGSIEKGRSLNIE
NELLKLITDPPPITEEEQKKIKMNVNLVENLEIVK
;
A,C
2 'polypeptide(L)'
;MFEKFLERSGNSIKLEEFSEDYIRQYNNLVSEKLISFWRIAGIGIYCNGLFRTIIPNDYQYIIEECYPMYDYETVTPFMI
TVFGDIFAYVKNHVIGDYVVFINIRYGTFKILSENIDILLNIVIFNKSCLENWFLLNEYNTIKEVKAMPKIDECYGYVPA
LVAGGKDCIDNIQIVKIAPYIDTVIQLMGDLKRIR
;
B,D
#
# COMPACT_ATOMS: atom_id res chain seq x y z
N LEU A 13 30.88 24.61 -32.72
CA LEU A 13 31.58 23.40 -33.13
C LEU A 13 30.81 22.66 -34.19
N SER A 14 30.93 21.33 -34.13
CA SER A 14 30.24 20.46 -35.06
C SER A 14 28.79 20.25 -34.62
N VAL A 15 27.90 20.09 -35.61
CA VAL A 15 26.45 20.11 -35.37
C VAL A 15 25.98 18.75 -34.88
N ILE A 16 25.42 18.72 -33.67
CA ILE A 16 24.94 17.50 -33.04
C ILE A 16 23.43 17.38 -33.27
N PHE A 17 23.02 16.36 -34.00
CA PHE A 17 21.61 16.13 -34.26
C PHE A 17 21.01 15.23 -33.18
N VAL A 18 19.85 15.62 -32.64
CA VAL A 18 19.19 14.86 -31.59
C VAL A 18 18.86 13.44 -32.08
N LYS A 19 19.25 12.44 -31.28
CA LYS A 19 19.01 11.03 -31.58
C LYS A 19 18.24 10.34 -30.45
N PRO A 20 17.14 9.62 -30.75
CA PRO A 20 16.50 9.60 -32.07
C PRO A 20 15.75 10.93 -32.27
N PRO A 21 15.36 11.23 -33.50
CA PRO A 21 14.56 12.45 -33.72
C PRO A 21 13.35 12.45 -32.81
N PHE A 22 12.85 13.66 -32.53
CA PHE A 22 11.57 13.77 -31.82
C PHE A 22 10.46 13.14 -32.65
N GLN A 23 9.38 12.78 -31.99
CA GLN A 23 8.20 12.24 -32.66
C GLN A 23 7.04 13.21 -32.50
N LEU A 24 6.15 13.18 -33.48
CA LEU A 24 4.78 13.66 -33.36
C LEU A 24 3.92 12.40 -33.25
N LYS A 25 3.72 11.95 -32.01
CA LYS A 25 3.07 10.69 -31.74
C LYS A 25 1.65 10.70 -32.32
N LYS A 26 1.12 9.50 -32.62
CA LYS A 26 -0.14 9.47 -33.38
C LYS A 26 -1.31 10.02 -32.57
N LYS A 27 -1.34 9.76 -31.25
CA LYS A 27 -2.44 10.28 -30.43
C LYS A 27 -2.58 11.80 -30.52
N PHE A 28 -1.49 12.52 -30.76
CA PHE A 28 -1.56 13.98 -30.80
C PHE A 28 -1.83 14.54 -32.19
N GLN A 29 -1.88 13.70 -33.24
CA GLN A 29 -2.08 14.14 -34.62
C GLN A 29 -3.53 14.48 -34.96
N LYS A 30 -4.51 13.94 -34.21
CA LYS A 30 -5.91 14.29 -34.43
C LYS A 30 -6.15 15.79 -34.31
N ASP A 31 -5.31 16.49 -33.55
CA ASP A 31 -5.43 17.93 -33.41
C ASP A 31 -4.44 18.61 -34.36
N PRO A 32 -4.92 19.24 -35.43
CA PRO A 32 -3.97 19.79 -36.43
C PRO A 32 -3.09 20.89 -35.87
N PHE A 33 -3.48 21.55 -34.79
CA PHE A 33 -2.65 22.64 -34.28
C PHE A 33 -1.48 22.15 -33.43
N TYR A 34 -1.45 20.88 -33.05
CA TYR A 34 -0.43 20.43 -32.09
C TYR A 34 0.97 20.48 -32.69
N GLU A 35 1.11 19.97 -33.93
CA GLU A 35 2.42 19.92 -34.57
C GLU A 35 3.07 21.30 -34.64
N ILE A 36 2.31 22.30 -35.09
CA ILE A 36 2.79 23.68 -35.11
C ILE A 36 3.39 24.06 -33.76
N GLU A 37 2.62 23.89 -32.66
CA GLU A 37 3.11 24.27 -31.33
C GLU A 37 4.33 23.45 -30.92
N MET A 38 4.32 22.16 -31.26
CA MET A 38 5.48 21.31 -31.02
C MET A 38 6.72 21.89 -31.70
N ARG A 39 6.61 22.15 -33.00
CA ARG A 39 7.75 22.72 -33.73
C ARG A 39 8.20 24.02 -33.07
N LYS A 40 7.24 24.89 -32.68
CA LYS A 40 7.64 26.11 -31.97
C LYS A 40 8.41 25.79 -30.71
N GLN A 41 7.94 24.80 -29.94
CA GLN A 41 8.64 24.43 -28.71
C GLN A 41 10.03 23.91 -29.03
N LEU A 42 10.13 23.01 -30.02
CA LEU A 42 11.43 22.42 -30.31
C LEU A 42 12.41 23.50 -30.72
N GLN A 43 11.94 24.52 -31.46
CA GLN A 43 12.82 25.58 -31.93
C GLN A 43 13.27 26.46 -30.77
N MET A 44 12.32 26.86 -29.92
CA MET A 44 12.70 27.69 -28.78
C MET A 44 13.63 26.93 -27.84
N GLN A 45 13.43 25.62 -27.69
CA GLN A 45 14.36 24.81 -26.90
C GLN A 45 15.75 24.75 -27.55
N GLN A 46 15.78 24.55 -28.87
CA GLN A 46 17.07 24.49 -29.58
C GLN A 46 17.88 25.78 -29.43
N ASP A 47 17.26 26.94 -29.70
CA ASP A 47 17.94 28.21 -29.49
C ASP A 47 18.40 28.36 -28.04
N GLY A 48 17.55 27.97 -27.08
CA GLY A 48 17.97 28.05 -25.68
C GLY A 48 19.21 27.24 -25.39
N ILE A 49 19.31 26.03 -25.95
CA ILE A 49 20.54 25.25 -25.80
C ILE A 49 21.72 25.92 -26.51
N ASN A 50 21.52 26.35 -27.76
CA ASN A 50 22.66 26.85 -28.53
C ASN A 50 23.19 28.16 -27.95
N ASN A 51 22.41 28.82 -27.10
CA ASN A 51 22.82 30.05 -26.41
C ASN A 51 23.75 29.79 -25.23
N MET A 52 24.14 28.54 -24.98
CA MET A 52 24.96 28.20 -23.83
C MET A 52 26.36 27.81 -24.26
N THR A 53 27.35 28.11 -23.40
CA THR A 53 28.67 27.54 -23.56
C THR A 53 28.65 26.05 -23.22
N ILE A 54 29.58 25.31 -23.82
CA ILE A 54 29.66 23.86 -23.59
C ILE A 54 29.91 23.57 -22.13
N PHE A 55 30.78 24.36 -21.50
CA PHE A 55 31.07 24.12 -20.09
C PHE A 55 29.80 24.19 -19.26
N GLU A 56 29.03 25.27 -19.40
CA GLU A 56 27.87 25.45 -18.51
C GLU A 56 26.77 24.43 -18.83
N TRP A 57 26.65 24.00 -20.09
CA TRP A 57 25.70 22.94 -20.41
C TRP A 57 26.08 21.64 -19.74
N LEU A 58 27.37 21.33 -19.70
CA LEU A 58 27.82 20.13 -19.00
C LEU A 58 27.67 20.28 -17.49
N LYS A 59 27.94 21.47 -16.95
CA LYS A 59 27.72 21.71 -15.53
C LYS A 59 26.29 21.36 -15.14
N ASN A 60 25.32 21.99 -15.83
CA ASN A 60 23.90 21.82 -15.49
C ASN A 60 23.47 20.37 -15.65
N ARG A 61 23.95 19.69 -16.69
CA ARG A 61 23.59 18.30 -16.92
C ARG A 61 23.96 17.43 -15.74
N GLU A 62 25.22 17.53 -15.29
CA GLU A 62 25.63 16.70 -14.17
C GLU A 62 24.91 17.11 -12.89
N ASN A 63 24.58 18.41 -12.73
CA ASN A 63 23.71 18.79 -11.63
C ASN A 63 22.35 18.11 -11.74
N PHE A 64 21.81 18.03 -12.95
CA PHE A 64 20.49 17.44 -13.14
C PHE A 64 20.47 15.96 -12.74
N LYS A 65 21.53 15.24 -13.06
CA LYS A 65 21.56 13.82 -12.73
C LYS A 65 21.55 13.55 -11.22
N LYS A 66 21.75 14.58 -10.38
CA LYS A 66 21.77 14.35 -8.92
C LYS A 66 20.37 14.09 -8.34
N TYR A 67 19.32 14.62 -8.95
CA TYR A 67 17.98 14.36 -8.42
C TYR A 67 17.58 12.93 -8.73
N GLY A 68 16.98 12.26 -7.76
CA GLY A 68 16.38 10.97 -8.02
C GLY A 68 17.32 9.80 -8.23
N ARG A 69 16.74 8.61 -8.28
CA ARG A 69 17.49 7.36 -8.48
C ARG A 69 16.67 6.38 -9.34
N SER A 73 15.93 -2.53 -8.39
CA SER A 73 14.95 -3.18 -7.48
C SER A 73 13.56 -3.47 -8.10
N LYS A 74 12.63 -3.91 -7.24
CA LYS A 74 11.28 -4.31 -7.64
C LYS A 74 10.30 -3.25 -7.14
N LYS A 75 9.61 -2.61 -8.09
CA LYS A 75 8.85 -1.41 -7.76
C LYS A 75 7.70 -1.71 -6.81
N ILE A 76 7.05 -2.86 -6.97
CA ILE A 76 5.99 -3.22 -6.02
C ILE A 76 6.48 -3.15 -4.58
N GLN A 77 7.70 -3.62 -4.32
CA GLN A 77 8.19 -3.68 -2.93
C GLN A 77 8.50 -2.28 -2.39
N GLU A 78 9.01 -1.40 -3.24
CA GLU A 78 9.29 -0.03 -2.82
C GLU A 78 7.99 0.73 -2.57
N ASP A 79 7.02 0.61 -3.48
CA ASP A 79 5.74 1.28 -3.30
C ASP A 79 4.99 0.72 -2.07
N PHE A 80 5.02 -0.60 -1.87
CA PHE A 80 4.41 -1.17 -0.66
C PHE A 80 4.94 -0.49 0.59
N ARG A 81 6.26 -0.38 0.71
CA ARG A 81 6.84 0.28 1.87
C ARG A 81 6.43 1.75 1.94
N ASP A 82 6.52 2.47 0.82
CA ASP A 82 6.15 3.87 0.83
C ASP A 82 4.67 4.07 1.23
N ARG A 83 3.77 3.16 0.81
CA ARG A 83 2.38 3.30 1.25
C ARG A 83 2.27 3.25 2.76
N TYR A 84 2.90 2.24 3.38
CA TYR A 84 2.91 2.10 4.83
C TYR A 84 3.48 3.38 5.48
N ARG A 85 4.62 3.86 4.97
CA ARG A 85 5.23 5.06 5.53
C ARG A 85 4.32 6.27 5.39
N ASN A 86 3.67 6.42 4.22
CA ASN A 86 2.79 7.57 4.01
C ASN A 86 1.60 7.56 4.94
N ALA A 87 1.08 6.38 5.29
CA ALA A 87 -0.01 6.35 6.27
C ALA A 87 0.48 6.85 7.62
N LYS A 88 1.73 6.53 7.97
CA LYS A 88 2.29 7.02 9.24
C LYS A 88 2.51 8.53 9.17
N ILE A 89 3.03 9.02 8.04
CA ILE A 89 3.18 10.48 7.88
C ILE A 89 1.83 11.17 8.01
N ASP A 90 0.79 10.59 7.41
CA ASP A 90 -0.54 11.19 7.44
C ASP A 90 -1.02 11.40 8.88
N GLU A 91 -0.73 10.44 9.79
CA GLU A 91 -1.15 10.60 11.18
C GLU A 91 -0.59 11.90 11.78
N TYR A 92 0.67 12.23 11.49
CA TYR A 92 1.21 13.51 11.98
C TYR A 92 0.56 14.71 11.29
N LEU A 93 0.37 14.65 9.97
CA LEU A 93 -0.23 15.79 9.26
C LEU A 93 -1.62 16.13 9.82
N LEU A 94 -2.39 15.11 10.17
CA LEU A 94 -3.72 15.35 10.71
C LEU A 94 -3.67 16.13 12.03
N LEU A 95 -2.58 16.01 12.80
CA LEU A 95 -2.51 16.61 14.13
C LEU A 95 -1.76 17.93 14.14
N TYR A 96 -0.74 18.06 13.31
CA TYR A 96 0.13 19.23 13.33
C TYR A 96 0.22 19.70 11.90
N GLU A 97 -0.81 20.44 11.47
CA GLU A 97 -0.95 20.78 10.06
C GLU A 97 0.24 21.55 9.52
N ASP A 98 0.92 22.33 10.38
CA ASP A 98 2.01 23.22 9.93
C ASP A 98 3.39 22.75 10.37
N MET A 99 3.50 21.53 10.89
CA MET A 99 4.78 21.02 11.33
C MET A 99 5.69 20.81 10.13
N ASP A 100 7.00 20.95 10.38
CA ASP A 100 8.03 20.70 9.37
C ASP A 100 8.00 19.22 8.96
N ILE A 101 7.86 18.98 7.65
CA ILE A 101 7.66 17.62 7.17
C ILE A 101 8.94 16.80 7.33
N LYS A 102 10.12 17.43 7.32
CA LYS A 102 11.37 16.72 7.62
C LYS A 102 11.35 16.14 9.03
N ALA A 103 10.83 16.90 10.00
CA ALA A 103 10.69 16.37 11.35
C ALA A 103 9.73 15.20 11.38
N ILE A 104 8.55 15.37 10.79
CA ILE A 104 7.58 14.29 10.71
C ILE A 104 8.22 13.03 10.13
N GLU A 105 8.96 13.21 9.03
CA GLU A 105 9.53 12.07 8.33
C GLU A 105 10.57 11.41 9.21
N ALA A 106 11.35 12.21 9.93
CA ALA A 106 12.40 11.65 10.75
C ALA A 106 11.81 10.84 11.89
N MET A 107 10.75 11.36 12.53
CA MET A 107 10.08 10.64 13.60
C MET A 107 9.48 9.34 13.10
N VAL A 108 8.86 9.37 11.92
CA VAL A 108 8.27 8.16 11.35
C VAL A 108 9.35 7.13 11.10
N ASP A 109 10.46 7.56 10.51
CA ASP A 109 11.56 6.68 10.12
C ASP A 109 12.39 6.22 11.32
N SER A 110 12.20 6.83 12.51
CA SER A 110 12.89 6.47 13.76
C SER A 110 12.16 5.44 14.61
N GLU A 111 10.86 5.23 14.39
CA GLU A 111 10.15 4.19 15.13
C GLU A 111 10.83 2.84 14.94
N LEU A 112 10.83 2.02 16.01
CA LEU A 112 11.61 0.80 16.03
C LEU A 112 10.77 -0.44 15.75
N GLU A 113 9.45 -0.31 15.75
CA GLU A 113 8.57 -1.37 15.27
C GLU A 113 7.77 -0.84 14.07
N GLY A 114 6.77 -1.60 13.62
CA GLY A 114 5.89 -1.24 12.50
C GLY A 114 6.61 -1.08 11.16
N LEU A 115 6.68 0.15 10.64
CA LEU A 115 7.48 0.48 9.45
C LEU A 115 8.86 -0.16 9.53
N ALA A 116 9.48 -0.15 10.71
CA ALA A 116 10.86 -0.64 10.89
C ALA A 116 11.01 -2.12 10.57
N ALA A 117 9.93 -2.90 10.55
CA ALA A 117 10.05 -4.30 10.12
C ALA A 117 10.35 -4.39 8.62
N LEU A 118 9.96 -3.38 7.83
CA LEU A 118 10.07 -3.44 6.37
C LEU A 118 11.48 -3.02 5.95
N ALA A 119 12.22 -3.93 5.35
CA ALA A 119 13.55 -3.60 4.89
C ALA A 119 13.47 -2.43 3.93
N ASN A 120 14.33 -1.47 4.12
CA ASN A 120 14.55 -0.30 3.27
C ASN A 120 15.29 -0.75 2.01
N PRO A 121 14.63 -0.86 0.85
CA PRO A 121 15.41 -1.27 -0.32
C PRO A 121 16.18 -0.10 -0.98
N GLY A 154 16.07 8.68 -23.95
CA GLY A 154 16.93 9.69 -23.36
C GLY A 154 17.58 10.60 -24.41
N ARG A 155 16.76 11.41 -25.07
CA ARG A 155 17.22 12.32 -26.11
C ARG A 155 18.30 13.29 -25.63
N SER A 156 18.21 13.74 -24.38
CA SER A 156 19.21 14.67 -23.89
C SER A 156 20.51 13.95 -23.52
N LEU A 157 20.43 12.74 -22.97
CA LEU A 157 21.64 11.99 -22.64
C LEU A 157 22.41 11.60 -23.91
N ASN A 158 21.71 11.36 -25.03
CA ASN A 158 22.43 11.04 -26.26
C ASN A 158 23.23 12.25 -26.75
N ILE A 159 22.60 13.43 -26.79
CA ILE A 159 23.33 14.66 -27.10
C ILE A 159 24.54 14.78 -26.20
N GLU A 160 24.37 14.39 -24.94
CA GLU A 160 25.47 14.51 -23.99
C GLU A 160 26.63 13.58 -24.33
N ASN A 161 26.32 12.36 -24.77
CA ASN A 161 27.39 11.39 -25.03
C ASN A 161 28.13 11.71 -26.32
N GLU A 162 27.40 12.10 -27.37
CA GLU A 162 28.02 12.59 -28.59
C GLU A 162 28.90 13.80 -28.33
N LEU A 163 28.46 14.69 -27.44
CA LEU A 163 29.27 15.87 -27.14
C LEU A 163 30.54 15.49 -26.40
N LEU A 164 30.45 14.52 -25.46
CA LEU A 164 31.63 14.17 -24.66
C LEU A 164 32.74 13.61 -25.52
N LYS A 165 32.38 12.80 -26.53
CA LYS A 165 33.38 12.27 -27.46
C LYS A 165 33.84 13.32 -28.46
N LEU A 166 33.06 14.38 -28.68
CA LEU A 166 33.64 15.54 -29.35
C LEU A 166 34.73 16.20 -28.52
N ILE A 167 34.87 15.89 -27.23
CA ILE A 167 35.89 16.55 -26.42
C ILE A 167 36.91 15.57 -25.83
N LYS A 180 33.76 29.10 -23.12
CA LYS A 180 34.07 30.01 -24.23
C LYS A 180 33.38 29.62 -25.53
N ILE A 181 33.10 28.33 -25.69
CA ILE A 181 32.63 27.76 -26.96
C ILE A 181 31.17 27.34 -26.81
N LYS A 182 30.35 27.68 -27.81
CA LYS A 182 28.89 27.55 -27.69
C LYS A 182 28.39 26.20 -28.17
N MET A 183 27.47 25.59 -27.39
CA MET A 183 26.75 24.39 -27.80
C MET A 183 26.17 24.58 -29.20
N ASN A 184 26.06 23.47 -29.95
CA ASN A 184 25.53 23.56 -31.31
C ASN A 184 24.78 22.26 -31.61
N VAL A 185 23.45 22.30 -31.41
CA VAL A 185 22.62 21.11 -31.53
C VAL A 185 21.47 21.46 -32.46
N ASN A 186 20.97 20.44 -33.14
CA ASN A 186 19.75 20.56 -33.94
C ASN A 186 18.68 19.64 -33.37
N LEU A 187 17.55 20.24 -32.97
CA LEU A 187 16.37 19.53 -32.46
C LEU A 187 15.22 19.49 -33.43
N VAL A 188 15.17 20.44 -34.37
CA VAL A 188 13.97 20.73 -35.15
C VAL A 188 13.86 19.93 -36.44
N GLU A 189 14.96 19.41 -36.96
CA GLU A 189 14.90 18.61 -38.17
C GLU A 189 14.47 17.19 -37.86
N ASN A 190 13.87 16.55 -38.88
CA ASN A 190 13.55 15.12 -38.89
C ASN A 190 12.49 14.74 -37.85
N LEU A 191 11.60 15.65 -37.48
CA LEU A 191 10.42 15.28 -36.69
C LEU A 191 9.73 14.07 -37.31
N GLU A 192 9.71 12.95 -36.60
CA GLU A 192 9.07 11.76 -37.15
C GLU A 192 7.55 11.83 -37.03
N ILE A 193 6.84 11.71 -38.15
CA ILE A 193 5.37 11.74 -38.14
C ILE A 193 4.88 10.30 -38.03
N VAL A 194 4.28 9.97 -36.87
CA VAL A 194 3.61 8.70 -36.56
C VAL A 194 4.60 7.81 -35.83
N PHE B 2 -14.10 19.73 2.14
CA PHE B 2 -13.00 20.54 1.60
C PHE B 2 -13.17 22.01 1.96
N GLU B 3 -13.79 22.26 3.12
CA GLU B 3 -13.88 23.62 3.65
C GLU B 3 -12.48 24.22 3.85
N LYS B 4 -11.56 23.45 4.43
CA LYS B 4 -10.19 23.93 4.58
C LYS B 4 -9.55 24.31 3.24
N PHE B 5 -9.68 23.43 2.22
CA PHE B 5 -9.11 23.76 0.91
C PHE B 5 -9.68 25.07 0.37
N LEU B 6 -10.99 25.25 0.46
CA LEU B 6 -11.64 26.45 -0.05
C LEU B 6 -11.25 27.69 0.76
N GLU B 7 -11.08 27.56 2.08
CA GLU B 7 -10.70 28.72 2.88
C GLU B 7 -9.24 29.11 2.70
N ARG B 8 -8.35 28.14 2.51
CA ARG B 8 -6.91 28.42 2.44
C ARG B 8 -6.38 28.70 1.03
N SER B 9 -7.18 28.49 -0.02
CA SER B 9 -6.76 28.84 -1.38
C SER B 9 -7.00 30.34 -1.67
N GLY B 10 -5.94 31.09 -1.92
CA GLY B 10 -6.13 32.50 -2.24
C GLY B 10 -6.55 32.67 -3.70
N ASN B 11 -7.58 33.49 -3.91
CA ASN B 11 -7.94 33.97 -5.24
C ASN B 11 -8.29 32.83 -6.19
N SER B 12 -9.01 31.85 -5.64
CA SER B 12 -9.58 30.77 -6.41
C SER B 12 -10.38 31.30 -7.61
N ILE B 13 -10.22 30.64 -8.76
CA ILE B 13 -11.10 30.83 -9.91
C ILE B 13 -11.56 29.45 -10.37
N LYS B 14 -12.84 29.15 -10.15
CA LYS B 14 -13.46 27.95 -10.70
C LYS B 14 -13.93 28.28 -12.12
N LEU B 15 -13.20 27.77 -13.10
CA LEU B 15 -13.50 27.98 -14.51
C LEU B 15 -14.70 27.16 -14.99
N GLU B 16 -15.04 26.06 -14.32
CA GLU B 16 -16.14 25.24 -14.81
C GLU B 16 -16.47 24.15 -13.81
N GLU B 17 -17.74 23.68 -13.79
CA GLU B 17 -18.08 22.46 -13.09
C GLU B 17 -17.84 21.21 -13.95
N PHE B 18 -17.73 20.07 -13.30
CA PHE B 18 -17.54 18.81 -14.00
C PHE B 18 -18.89 18.22 -14.36
N SER B 19 -18.98 17.64 -15.56
CA SER B 19 -20.14 16.78 -15.86
C SER B 19 -20.13 15.53 -14.97
N GLU B 20 -21.30 15.22 -14.42
CA GLU B 20 -21.41 14.08 -13.51
C GLU B 20 -21.24 12.77 -14.26
N ASP B 21 -21.96 12.62 -15.39
CA ASP B 21 -21.73 11.50 -16.29
C ASP B 21 -20.25 11.32 -16.61
N TYR B 22 -19.54 12.43 -16.82
CA TYR B 22 -18.10 12.28 -17.09
C TYR B 22 -17.36 11.77 -15.85
N ILE B 23 -17.57 12.37 -14.68
CA ILE B 23 -16.71 11.90 -13.58
C ILE B 23 -17.12 10.53 -13.06
N ARG B 24 -18.37 10.11 -13.27
CA ARG B 24 -18.74 8.80 -12.76
C ARG B 24 -18.17 7.65 -13.59
N GLN B 25 -17.55 7.90 -14.75
CA GLN B 25 -16.84 6.75 -15.30
C GLN B 25 -15.54 6.46 -14.57
N TYR B 26 -15.15 7.29 -13.61
CA TYR B 26 -13.95 7.05 -12.82
C TYR B 26 -14.30 6.39 -11.48
N ASN B 27 -15.55 5.91 -11.33
CA ASN B 27 -16.07 5.35 -10.08
C ASN B 27 -15.18 4.27 -9.48
N ASN B 28 -14.69 3.36 -10.31
CA ASN B 28 -13.85 2.23 -9.93
C ASN B 28 -12.36 2.48 -10.09
N LEU B 29 -11.96 3.69 -10.52
CA LEU B 29 -10.57 4.04 -10.80
C LEU B 29 -9.97 4.95 -9.75
N VAL B 30 -10.78 5.72 -9.05
CA VAL B 30 -10.30 6.72 -8.08
C VAL B 30 -11.19 6.66 -6.85
N SER B 31 -10.76 7.34 -5.79
CA SER B 31 -11.48 7.32 -4.53
C SER B 31 -12.70 8.25 -4.55
N GLU B 32 -13.64 7.91 -3.67
CA GLU B 32 -14.85 8.71 -3.47
C GLU B 32 -14.39 10.11 -3.09
N LYS B 33 -13.37 10.20 -2.24
CA LYS B 33 -12.82 11.50 -1.88
C LYS B 33 -12.42 12.32 -3.10
N LEU B 34 -11.70 11.73 -4.07
CA LEU B 34 -11.32 12.51 -5.24
C LEU B 34 -12.54 12.94 -6.04
N ILE B 35 -13.54 12.06 -6.14
CA ILE B 35 -14.77 12.42 -6.84
C ILE B 35 -15.47 13.59 -6.14
N SER B 36 -15.56 13.57 -4.80
CA SER B 36 -16.13 14.71 -4.08
C SER B 36 -15.32 15.97 -4.34
N PHE B 37 -13.99 15.85 -4.40
CA PHE B 37 -13.18 17.03 -4.68
C PHE B 37 -13.50 17.58 -6.08
N TRP B 38 -13.61 16.69 -7.07
CA TRP B 38 -14.04 17.14 -8.40
C TRP B 38 -15.33 17.95 -8.32
N ARG B 39 -16.33 17.46 -7.59
CA ARG B 39 -17.59 18.19 -7.52
C ARG B 39 -17.44 19.57 -6.87
N ILE B 40 -16.50 19.69 -5.92
CA ILE B 40 -16.27 20.96 -5.23
C ILE B 40 -15.43 21.91 -6.08
N ALA B 41 -14.27 21.41 -6.55
CA ALA B 41 -13.26 22.25 -7.20
C ALA B 41 -13.52 22.47 -8.68
N GLY B 42 -14.14 21.49 -9.34
CA GLY B 42 -14.33 21.65 -10.79
C GLY B 42 -13.01 21.80 -11.51
N ILE B 43 -13.07 22.48 -12.67
CA ILE B 43 -11.86 22.88 -13.38
C ILE B 43 -11.56 24.29 -12.92
N GLY B 44 -10.33 24.54 -12.49
CA GLY B 44 -10.04 25.86 -12.01
C GLY B 44 -8.58 26.05 -11.63
N ILE B 45 -8.31 27.25 -11.10
CA ILE B 45 -6.97 27.70 -10.73
C ILE B 45 -7.00 28.15 -9.25
N TYR B 46 -6.18 27.53 -8.42
CA TYR B 46 -6.29 27.72 -6.98
C TYR B 46 -4.95 28.11 -6.37
N CYS B 47 -5.01 28.61 -5.14
CA CYS B 47 -3.82 28.91 -4.37
C CYS B 47 -2.97 29.96 -5.09
N ASN B 48 -3.61 31.09 -5.37
CA ASN B 48 -2.98 32.22 -6.09
C ASN B 48 -2.24 31.77 -7.33
N GLY B 49 -2.87 30.86 -8.10
CA GLY B 49 -2.34 30.49 -9.39
C GLY B 49 -1.41 29.31 -9.38
N LEU B 50 -1.10 28.77 -8.19
CA LEU B 50 -0.05 27.77 -8.11
C LEU B 50 -0.53 26.40 -8.60
N PHE B 51 -1.78 26.02 -8.31
CA PHE B 51 -2.32 24.73 -8.72
C PHE B 51 -3.56 24.89 -9.61
N ARG B 52 -3.71 23.95 -10.55
CA ARG B 52 -4.85 23.90 -11.46
C ARG B 52 -5.43 22.49 -11.45
N THR B 53 -6.76 22.40 -11.38
CA THR B 53 -7.44 21.13 -11.59
C THR B 53 -7.80 21.00 -13.06
N ILE B 54 -7.49 19.85 -13.65
CA ILE B 54 -7.53 19.72 -15.10
C ILE B 54 -8.48 18.59 -15.50
N ILE B 55 -8.73 18.50 -16.79
CA ILE B 55 -9.58 17.45 -17.35
C ILE B 55 -8.73 16.19 -17.38
N PRO B 56 -9.07 15.16 -16.60
CA PRO B 56 -8.17 13.98 -16.57
C PRO B 56 -7.92 13.38 -17.94
N ASN B 57 -8.93 13.21 -18.77
CA ASN B 57 -8.62 12.48 -20.00
C ASN B 57 -7.73 13.28 -20.92
N ASP B 58 -7.62 14.59 -20.72
CA ASP B 58 -6.73 15.41 -21.53
C ASP B 58 -5.28 15.24 -21.13
N TYR B 59 -5.02 14.64 -19.97
CA TYR B 59 -3.66 14.40 -19.50
C TYR B 59 -3.35 12.91 -19.45
N GLN B 60 -4.31 12.07 -19.84
CA GLN B 60 -4.17 10.62 -19.67
C GLN B 60 -3.01 10.06 -20.49
N TYR B 61 -2.96 10.41 -21.77
CA TYR B 61 -1.92 9.85 -22.63
C TYR B 61 -0.50 10.25 -22.19
N ILE B 62 -0.30 11.51 -21.82
CA ILE B 62 1.06 11.93 -21.51
C ILE B 62 1.56 11.37 -20.19
N ILE B 63 0.67 11.01 -19.25
CA ILE B 63 1.14 10.36 -18.01
C ILE B 63 1.52 8.91 -18.27
N GLU B 64 0.69 8.18 -19.03
CA GLU B 64 1.13 6.85 -19.44
C GLU B 64 2.41 6.85 -20.22
N GLU B 65 2.77 7.99 -20.86
CA GLU B 65 4.04 8.06 -21.58
C GLU B 65 5.23 8.08 -20.64
N CYS B 66 5.13 8.71 -19.49
CA CYS B 66 6.31 8.70 -18.65
C CYS B 66 6.20 7.89 -17.35
N TYR B 67 4.99 7.44 -16.97
CA TYR B 67 4.86 6.73 -15.69
C TYR B 67 4.67 5.24 -15.92
N PRO B 68 5.68 4.42 -15.72
CA PRO B 68 5.56 2.98 -15.95
C PRO B 68 4.71 2.29 -14.89
N MET B 69 3.86 1.38 -15.35
CA MET B 69 2.87 0.77 -14.49
C MET B 69 2.88 -0.73 -14.67
N TYR B 70 2.48 -1.42 -13.60
CA TYR B 70 2.10 -2.81 -13.74
C TYR B 70 0.75 -2.86 -14.43
N ASP B 71 0.46 -4.01 -15.03
CA ASP B 71 -0.80 -4.23 -15.72
C ASP B 71 -2.01 -4.17 -14.80
N TYR B 72 -1.82 -4.25 -13.49
CA TYR B 72 -2.97 -4.14 -12.59
C TYR B 72 -3.11 -2.74 -12.03
N GLU B 73 -2.42 -1.75 -12.61
CA GLU B 73 -2.54 -0.37 -12.16
C GLU B 73 -3.24 0.47 -13.23
N THR B 74 -4.01 1.46 -12.78
CA THR B 74 -4.54 2.54 -13.60
C THR B 74 -4.12 3.87 -12.97
N VAL B 75 -3.78 4.85 -13.82
CA VAL B 75 -3.39 6.18 -13.36
C VAL B 75 -4.41 7.20 -13.89
N THR B 76 -4.84 8.11 -13.03
CA THR B 76 -5.82 9.16 -13.40
C THR B 76 -5.27 10.50 -12.96
N PRO B 77 -4.84 11.35 -13.90
CA PRO B 77 -4.36 12.68 -13.54
C PRO B 77 -5.50 13.55 -13.07
N PHE B 78 -5.20 14.43 -12.11
CA PHE B 78 -6.24 15.29 -11.55
C PHE B 78 -5.80 16.69 -11.23
N MET B 79 -4.51 16.99 -11.17
CA MET B 79 -4.10 18.32 -10.77
C MET B 79 -2.69 18.56 -11.27
N ILE B 80 -2.42 19.80 -11.60
CA ILE B 80 -1.09 20.20 -11.99
C ILE B 80 -0.63 21.44 -11.24
N THR B 81 0.70 21.62 -11.20
CA THR B 81 1.31 22.85 -10.74
C THR B 81 1.50 23.84 -11.90
N VAL B 82 1.70 25.10 -11.51
CA VAL B 82 2.06 26.13 -12.48
C VAL B 82 3.29 25.77 -13.29
N PHE B 83 4.10 24.80 -12.85
CA PHE B 83 5.26 24.39 -13.64
C PHE B 83 4.95 23.22 -14.58
N GLY B 84 3.74 22.67 -14.52
CA GLY B 84 3.46 21.49 -15.30
C GLY B 84 3.83 20.19 -14.61
N ASP B 85 4.15 20.23 -13.32
CA ASP B 85 4.20 19.00 -12.53
C ASP B 85 2.80 18.40 -12.47
N ILE B 86 2.72 17.07 -12.26
CA ILE B 86 1.43 16.39 -12.32
C ILE B 86 1.19 15.54 -11.09
N PHE B 87 -0.01 15.67 -10.52
CA PHE B 87 -0.55 14.81 -9.50
C PHE B 87 -1.50 13.82 -10.16
N ALA B 88 -1.38 12.54 -9.83
CA ALA B 88 -2.32 11.56 -10.38
C ALA B 88 -2.65 10.53 -9.32
N TYR B 89 -3.87 10.00 -9.38
CA TYR B 89 -4.32 8.95 -8.48
C TYR B 89 -4.07 7.60 -9.13
N VAL B 90 -3.39 6.68 -8.45
CA VAL B 90 -3.09 5.36 -8.99
C VAL B 90 -3.93 4.30 -8.26
N LYS B 91 -4.82 3.65 -9.03
CA LYS B 91 -5.55 2.47 -8.59
C LYS B 91 -4.64 1.24 -8.70
N ASN B 92 -4.45 0.53 -7.58
CA ASN B 92 -3.53 -0.61 -7.53
C ASN B 92 -4.20 -1.68 -6.68
N HIS B 93 -4.52 -2.82 -7.32
CA HIS B 93 -5.34 -3.89 -6.77
C HIS B 93 -4.58 -4.88 -5.92
N VAL B 94 -3.25 -4.86 -5.97
CA VAL B 94 -2.38 -5.75 -5.24
C VAL B 94 -1.95 -5.07 -3.93
N ILE B 95 -1.35 -3.88 -3.98
CA ILE B 95 -0.89 -3.20 -2.76
C ILE B 95 -1.80 -2.07 -2.28
N GLY B 96 -2.81 -1.70 -3.02
CA GLY B 96 -3.66 -0.60 -2.63
C GLY B 96 -3.22 0.68 -3.30
N ASP B 97 -4.04 1.72 -3.16
CA ASP B 97 -3.89 2.91 -3.98
C ASP B 97 -2.83 3.85 -3.42
N TYR B 98 -2.45 4.83 -4.25
CA TYR B 98 -1.55 5.90 -3.87
C TYR B 98 -1.70 7.05 -4.86
N VAL B 99 -1.10 8.19 -4.52
CA VAL B 99 -1.02 9.33 -5.40
C VAL B 99 0.43 9.43 -5.83
N VAL B 100 0.68 9.80 -7.09
CA VAL B 100 2.03 10.02 -7.59
C VAL B 100 2.16 11.48 -7.98
N PHE B 101 3.26 12.13 -7.51
CA PHE B 101 3.59 13.50 -7.88
C PHE B 101 4.76 13.40 -8.84
N ILE B 102 4.52 13.81 -10.08
CA ILE B 102 5.52 13.77 -11.17
C ILE B 102 6.09 15.16 -11.33
N ASN B 103 7.36 15.32 -11.03
CA ASN B 103 8.01 16.62 -11.16
C ASN B 103 8.59 16.69 -12.56
N ILE B 104 7.96 17.50 -13.44
CA ILE B 104 8.38 17.53 -14.84
C ILE B 104 9.72 18.25 -14.99
N ARG B 105 10.04 19.18 -14.08
CA ARG B 105 11.31 19.90 -14.15
C ARG B 105 12.50 18.98 -13.90
N TYR B 106 12.42 18.13 -12.88
CA TYR B 106 13.58 17.35 -12.49
C TYR B 106 13.47 15.88 -12.89
N GLY B 107 12.39 15.48 -13.55
CA GLY B 107 12.31 14.11 -14.02
C GLY B 107 12.18 13.06 -12.93
N THR B 108 11.44 13.38 -11.86
CA THR B 108 11.21 12.46 -10.75
C THR B 108 9.73 12.20 -10.54
N PHE B 109 9.43 11.06 -9.91
CA PHE B 109 8.12 10.84 -9.32
C PHE B 109 8.27 10.58 -7.82
N LYS B 110 7.22 10.93 -7.08
CA LYS B 110 7.17 10.68 -5.63
C LYS B 110 5.82 10.02 -5.29
N ILE B 111 5.89 8.91 -4.57
CA ILE B 111 4.72 8.18 -4.10
C ILE B 111 4.19 8.91 -2.85
N LEU B 112 2.97 9.43 -2.94
CA LEU B 112 2.23 10.10 -1.87
C LEU B 112 1.11 9.21 -1.37
N SER B 113 0.49 9.64 -0.28
CA SER B 113 -0.60 8.90 0.31
C SER B 113 -1.82 8.95 -0.60
N GLU B 114 -2.61 7.88 -0.58
CA GLU B 114 -3.87 7.84 -1.32
C GLU B 114 -4.90 8.82 -0.78
N ASN B 115 -4.67 9.42 0.38
CA ASN B 115 -5.67 10.23 1.09
C ASN B 115 -5.69 11.63 0.53
N ILE B 116 -6.65 11.87 -0.35
CA ILE B 116 -6.83 13.13 -1.07
C ILE B 116 -7.23 14.25 -0.11
N ASP B 117 -7.97 13.89 0.95
CA ASP B 117 -8.46 14.84 1.95
C ASP B 117 -7.28 15.54 2.63
N ILE B 118 -6.31 14.77 3.08
CA ILE B 118 -5.15 15.40 3.73
C ILE B 118 -4.28 16.13 2.71
N LEU B 119 -4.09 15.53 1.52
CA LEU B 119 -3.30 16.21 0.48
C LEU B 119 -3.86 17.60 0.22
N LEU B 120 -5.16 17.71 0.05
CA LEU B 120 -5.71 18.94 -0.49
C LEU B 120 -6.19 19.91 0.59
N ASN B 121 -6.48 19.43 1.80
CA ASN B 121 -6.78 20.37 2.87
C ASN B 121 -5.55 20.72 3.69
N ILE B 122 -4.46 19.95 3.61
CA ILE B 122 -3.36 20.21 4.54
C ILE B 122 -2.07 20.34 3.79
N VAL B 123 -1.73 19.31 2.99
CA VAL B 123 -0.37 19.18 2.47
C VAL B 123 -0.01 20.37 1.58
N ILE B 124 -0.91 20.76 0.67
CA ILE B 124 -0.56 21.81 -0.29
C ILE B 124 -0.57 23.20 0.33
N PHE B 125 -0.87 23.31 1.61
CA PHE B 125 -0.75 24.58 2.32
C PHE B 125 0.37 24.56 3.34
N ASN B 126 1.08 23.45 3.44
CA ASN B 126 2.17 23.32 4.39
C ASN B 126 3.46 23.72 3.68
N LYS B 127 4.10 24.75 4.21
CA LYS B 127 5.19 25.39 3.50
C LYS B 127 6.35 24.43 3.27
N SER B 128 6.60 23.53 4.24
CA SER B 128 7.74 22.63 4.06
C SER B 128 7.41 21.48 3.12
N CYS B 129 6.16 21.05 3.07
CA CYS B 129 5.81 20.13 1.98
C CYS B 129 5.95 20.81 0.63
N LEU B 130 5.45 22.05 0.52
CA LEU B 130 5.55 22.75 -0.76
C LEU B 130 7.00 22.82 -1.19
N GLU B 131 7.91 23.01 -0.21
CA GLU B 131 9.32 23.15 -0.55
C GLU B 131 9.97 21.80 -0.81
N ASN B 132 9.83 20.85 0.14
CA ASN B 132 10.60 19.61 0.10
C ASN B 132 9.96 18.55 -0.78
N TRP B 133 8.64 18.51 -0.85
CA TRP B 133 7.96 17.57 -1.74
C TRP B 133 7.83 18.09 -3.17
N PHE B 134 7.43 19.34 -3.32
CA PHE B 134 6.97 19.81 -4.60
C PHE B 134 7.91 20.81 -5.23
N LEU B 135 8.91 21.28 -4.48
CA LEU B 135 9.91 22.24 -4.97
C LEU B 135 9.23 23.46 -5.56
N LEU B 136 8.26 23.99 -4.79
CA LEU B 136 7.41 25.08 -5.25
C LEU B 136 7.69 26.37 -4.52
N ASN B 137 8.79 26.41 -3.76
CA ASN B 137 9.06 27.50 -2.83
C ASN B 137 9.40 28.81 -3.56
N GLU B 138 9.82 28.75 -4.81
CA GLU B 138 10.17 29.99 -5.50
C GLU B 138 8.95 30.68 -6.12
N TYR B 139 7.74 30.15 -5.91
CA TYR B 139 6.57 30.61 -6.68
C TYR B 139 6.26 32.08 -6.43
N ASN B 140 6.16 32.49 -5.15
CA ASN B 140 5.84 33.89 -4.87
C ASN B 140 6.88 34.83 -5.47
N THR B 141 8.13 34.39 -5.54
CA THR B 141 9.17 35.21 -6.18
C THR B 141 9.01 35.25 -7.70
N ILE B 142 8.71 34.11 -8.33
CA ILE B 142 8.49 34.11 -9.79
C ILE B 142 7.27 34.94 -10.16
N LYS B 143 6.26 34.96 -9.31
CA LYS B 143 4.97 35.50 -9.70
C LYS B 143 4.91 37.01 -9.58
N GLU B 144 5.89 37.63 -8.94
CA GLU B 144 5.99 39.09 -8.94
C GLU B 144 6.63 39.59 -10.24
N VAL B 145 7.44 38.77 -10.90
CA VAL B 145 8.11 39.15 -12.15
C VAL B 145 7.47 38.55 -13.42
N LYS B 146 6.59 37.56 -13.29
CA LYS B 146 5.98 36.91 -14.44
C LYS B 146 4.45 36.92 -14.34
N ALA B 147 3.78 37.02 -15.48
CA ALA B 147 2.32 37.00 -15.45
C ALA B 147 1.82 35.59 -15.08
N MET B 148 0.51 35.50 -14.84
CA MET B 148 -0.11 34.23 -14.47
C MET B 148 -0.35 33.37 -15.71
N PRO B 149 0.23 32.18 -15.80
CA PRO B 149 -0.14 31.27 -16.90
C PRO B 149 -1.62 30.87 -16.79
N LYS B 150 -2.29 30.85 -17.95
CA LYS B 150 -3.65 30.37 -18.03
C LYS B 150 -3.66 28.86 -17.93
N ILE B 151 -4.86 28.28 -17.86
CA ILE B 151 -4.94 26.87 -17.46
C ILE B 151 -4.26 25.96 -18.47
N ASP B 152 -4.08 26.42 -19.72
CA ASP B 152 -3.37 25.61 -20.72
C ASP B 152 -1.92 26.04 -20.88
N GLU B 153 -1.38 26.81 -19.94
CA GLU B 153 0.00 27.23 -19.98
C GLU B 153 0.69 26.87 -18.66
N CYS B 154 2.01 27.03 -18.65
CA CYS B 154 2.81 26.83 -17.46
C CYS B 154 4.13 27.57 -17.61
N TYR B 155 4.82 27.71 -16.50
CA TYR B 155 6.19 28.23 -16.49
C TYR B 155 7.12 27.14 -16.99
N GLY B 156 7.57 27.26 -18.24
CA GLY B 156 8.52 26.33 -18.81
C GLY B 156 9.92 26.89 -18.71
N TYR B 157 10.91 26.01 -18.56
CA TYR B 157 12.30 26.44 -18.60
C TYR B 157 12.80 26.32 -20.04
N VAL B 158 13.42 27.38 -20.54
CA VAL B 158 14.00 27.35 -21.88
C VAL B 158 15.49 27.73 -21.78
N PRO B 159 16.40 26.77 -21.94
CA PRO B 159 16.02 25.38 -22.23
C PRO B 159 15.57 24.58 -20.96
N ALA B 160 14.87 23.47 -21.19
CA ALA B 160 14.42 22.61 -20.10
C ALA B 160 15.59 22.23 -19.21
N LEU B 161 15.31 22.07 -17.92
CA LEU B 161 16.36 21.67 -17.00
C LEU B 161 16.96 20.32 -17.40
N VAL B 162 16.13 19.43 -17.94
CA VAL B 162 16.65 18.16 -18.44
C VAL B 162 17.57 18.38 -19.63
N ALA B 163 17.36 19.48 -20.36
CA ALA B 163 18.16 19.77 -21.54
C ALA B 163 19.30 20.72 -21.23
N GLY B 164 19.77 20.71 -19.99
CA GLY B 164 20.93 21.52 -19.62
C GLY B 164 20.63 22.92 -19.19
N GLY B 165 19.36 23.29 -19.05
CA GLY B 165 19.05 24.65 -18.69
C GLY B 165 19.36 24.95 -17.24
N LYS B 166 19.61 26.23 -16.95
CA LYS B 166 19.80 26.65 -15.59
C LYS B 166 18.46 26.93 -14.94
N ASP B 167 18.36 26.60 -13.67
CA ASP B 167 17.15 26.82 -12.90
C ASP B 167 17.20 28.25 -12.37
N CYS B 168 16.75 29.21 -13.18
CA CYS B 168 16.65 30.57 -12.73
C CYS B 168 15.47 31.24 -13.40
N ILE B 169 14.99 32.31 -12.78
CA ILE B 169 13.80 33.01 -13.25
C ILE B 169 14.00 33.61 -14.63
N ASP B 170 15.26 33.81 -15.02
CA ASP B 170 15.58 34.37 -16.33
C ASP B 170 15.26 33.39 -17.44
N ASN B 171 15.31 32.08 -17.16
CA ASN B 171 15.04 31.06 -18.18
C ASN B 171 13.59 30.64 -18.24
N ILE B 172 12.69 31.29 -17.50
CA ILE B 172 11.29 30.89 -17.48
C ILE B 172 10.55 31.66 -18.57
N GLN B 173 9.78 30.93 -19.37
CA GLN B 173 8.81 31.53 -20.29
C GLN B 173 7.45 30.88 -20.09
N ILE B 174 6.40 31.65 -20.34
CA ILE B 174 5.04 31.12 -20.37
C ILE B 174 4.87 30.39 -21.70
N VAL B 175 4.70 29.08 -21.66
CA VAL B 175 4.58 28.21 -22.83
C VAL B 175 3.29 27.42 -22.68
N LYS B 176 2.80 26.92 -23.82
CA LYS B 176 1.68 25.97 -23.81
C LYS B 176 2.13 24.69 -23.11
N ILE B 177 1.30 24.23 -22.17
CA ILE B 177 1.80 23.19 -21.27
C ILE B 177 1.96 21.84 -22.00
N ALA B 178 1.00 21.48 -22.85
CA ALA B 178 0.99 20.13 -23.42
C ALA B 178 2.19 19.86 -24.31
N PRO B 179 2.55 20.71 -25.29
CA PRO B 179 3.75 20.42 -26.09
C PRO B 179 5.03 20.51 -25.28
N TYR B 180 5.04 21.39 -24.28
CA TYR B 180 6.18 21.50 -23.38
C TYR B 180 6.42 20.18 -22.65
N ILE B 181 5.40 19.66 -21.97
CA ILE B 181 5.54 18.41 -21.24
C ILE B 181 5.93 17.28 -22.18
N ASP B 182 5.34 17.27 -23.37
CA ASP B 182 5.68 16.22 -24.33
C ASP B 182 7.16 16.33 -24.71
N THR B 183 7.63 17.55 -24.96
CA THR B 183 9.04 17.75 -25.31
C THR B 183 9.96 17.38 -24.15
N VAL B 184 9.60 17.73 -22.92
CA VAL B 184 10.47 17.41 -21.80
C VAL B 184 10.61 15.90 -21.66
N ILE B 185 9.51 15.17 -21.77
CA ILE B 185 9.54 13.70 -21.62
C ILE B 185 10.39 13.06 -22.73
N GLN B 186 10.25 13.54 -23.96
CA GLN B 186 11.07 13.01 -25.05
C GLN B 186 12.54 13.33 -24.86
N LEU B 187 12.84 14.40 -24.13
CA LEU B 187 14.21 14.72 -23.74
C LEU B 187 14.72 13.82 -22.60
N MET B 188 13.86 13.33 -21.72
CA MET B 188 14.41 12.63 -20.57
C MET B 188 14.37 11.12 -20.77
N GLY B 189 15.22 10.42 -20.02
CA GLY B 189 15.11 8.98 -19.95
C GLY B 189 13.82 8.55 -19.25
N ASP B 190 13.87 7.50 -18.44
CA ASP B 190 12.68 7.24 -17.63
C ASP B 190 12.68 8.19 -16.44
N LEU B 191 11.49 8.43 -15.87
CA LEU B 191 11.45 9.10 -14.58
C LEU B 191 12.28 8.32 -13.55
N LYS B 192 12.92 9.06 -12.66
CA LYS B 192 13.62 8.51 -11.51
C LYS B 192 12.78 8.64 -10.25
N ARG B 193 12.85 7.64 -9.36
CA ARG B 193 12.21 7.78 -8.06
C ARG B 193 12.99 8.78 -7.23
N ILE B 194 12.26 9.63 -6.54
CA ILE B 194 12.84 10.65 -5.72
C ILE B 194 13.54 9.96 -4.54
N PHE C 17 -29.63 -3.20 22.70
CA PHE C 17 -28.51 -2.40 23.19
C PHE C 17 -27.36 -3.25 23.75
N VAL C 18 -26.18 -3.08 23.16
CA VAL C 18 -25.04 -3.91 23.50
C VAL C 18 -24.52 -3.54 24.89
N LYS C 19 -24.24 -4.56 25.69
CA LYS C 19 -23.82 -4.48 27.07
C LYS C 19 -22.75 -5.54 27.28
N PRO C 20 -21.54 -5.19 27.73
CA PRO C 20 -21.04 -3.83 27.96
C PRO C 20 -20.78 -3.11 26.63
N PRO C 21 -20.64 -1.79 26.67
CA PRO C 21 -20.43 -1.05 25.42
C PRO C 21 -19.05 -1.35 24.85
N PHE C 22 -18.97 -1.28 23.51
CA PHE C 22 -17.70 -1.51 22.84
C PHE C 22 -16.66 -0.51 23.32
N GLN C 23 -15.42 -0.97 23.41
CA GLN C 23 -14.29 -0.13 23.78
C GLN C 23 -13.52 0.26 22.53
N LEU C 24 -13.08 1.52 22.48
CA LEU C 24 -12.02 1.99 21.59
C LEU C 24 -10.80 2.09 22.47
N LYS C 25 -10.10 0.96 22.62
CA LYS C 25 -9.08 0.80 23.63
C LYS C 25 -7.88 1.72 23.37
N LYS C 26 -7.07 1.89 24.41
CA LYS C 26 -6.06 2.93 24.44
C LYS C 26 -5.01 2.75 23.34
N LYS C 27 -4.63 1.50 23.05
CA LYS C 27 -3.50 1.28 22.13
C LYS C 27 -3.85 1.61 20.69
N PHE C 28 -5.09 1.37 20.27
CA PHE C 28 -5.48 1.64 18.90
C PHE C 28 -5.75 3.12 18.63
N GLN C 29 -5.92 3.92 19.69
CA GLN C 29 -6.36 5.30 19.55
C GLN C 29 -5.21 6.28 19.34
N LYS C 30 -3.97 5.80 19.18
CA LYS C 30 -2.89 6.66 18.69
C LYS C 30 -2.97 6.88 17.18
N ASP C 31 -3.71 6.03 16.45
CA ASP C 31 -3.92 6.16 15.02
C ASP C 31 -5.32 6.73 14.75
N PRO C 32 -5.43 8.01 14.41
CA PRO C 32 -6.76 8.65 14.26
C PRO C 32 -7.75 7.93 13.36
N PHE C 33 -7.30 7.20 12.35
CA PHE C 33 -8.23 6.57 11.42
C PHE C 33 -8.85 5.28 11.97
N TYR C 34 -8.38 4.78 13.10
CA TYR C 34 -8.93 3.55 13.64
C TYR C 34 -10.36 3.75 14.18
N GLU C 35 -10.60 4.91 14.81
CA GLU C 35 -11.93 5.20 15.33
C GLU C 35 -12.97 5.19 14.22
N ILE C 36 -12.64 5.75 13.05
CA ILE C 36 -13.60 5.79 11.96
C ILE C 36 -13.87 4.39 11.43
N GLU C 37 -12.83 3.59 11.21
CA GLU C 37 -13.09 2.27 10.67
C GLU C 37 -13.77 1.36 11.69
N MET C 38 -13.48 1.58 12.97
CA MET C 38 -14.20 0.86 14.01
C MET C 38 -15.69 1.17 13.93
N ARG C 39 -16.05 2.46 13.93
CA ARG C 39 -17.45 2.84 13.88
C ARG C 39 -18.14 2.26 12.66
N LYS C 40 -17.48 2.31 11.51
CA LYS C 40 -18.05 1.76 10.29
C LYS C 40 -18.26 0.26 10.41
N GLN C 41 -17.31 -0.44 11.03
CA GLN C 41 -17.47 -1.88 11.21
C GLN C 41 -18.66 -2.19 12.11
N LEU C 42 -18.79 -1.42 13.21
CA LEU C 42 -19.90 -1.61 14.13
C LEU C 42 -21.23 -1.33 13.44
N GLN C 43 -21.32 -0.18 12.77
CA GLN C 43 -22.51 0.15 12.00
C GLN C 43 -22.85 -0.94 11.00
N MET C 44 -21.83 -1.53 10.39
CA MET C 44 -22.06 -2.58 9.40
C MET C 44 -22.61 -3.85 10.05
N GLN C 45 -22.11 -4.17 11.26
CA GLN C 45 -22.53 -5.39 11.95
C GLN C 45 -23.95 -5.26 12.48
N GLN C 46 -24.28 -4.10 13.05
CA GLN C 46 -25.65 -3.85 13.50
C GLN C 46 -26.67 -4.13 12.39
N ASP C 47 -26.50 -3.50 11.23
CA ASP C 47 -27.47 -3.67 10.15
C ASP C 47 -27.34 -5.05 9.52
N GLY C 48 -27.02 -6.05 10.34
CA GLY C 48 -26.93 -7.43 9.87
C GLY C 48 -27.36 -8.41 10.94
N TRP C 57 -31.76 -16.13 13.58
CA TRP C 57 -30.68 -15.66 14.45
C TRP C 57 -30.34 -16.65 15.55
N LEU C 58 -31.29 -16.85 16.47
CA LEU C 58 -30.99 -17.65 17.65
C LEU C 58 -30.57 -19.07 17.29
N LYS C 59 -30.98 -19.59 16.14
CA LYS C 59 -30.50 -20.92 15.75
C LYS C 59 -29.10 -20.85 15.11
N ASN C 60 -28.79 -19.75 14.43
CA ASN C 60 -27.42 -19.51 13.99
C ASN C 60 -26.48 -19.41 15.20
N ARG C 61 -26.86 -18.60 16.20
CA ARG C 61 -26.09 -18.47 17.44
C ARG C 61 -25.82 -19.83 18.05
N GLU C 62 -26.87 -20.65 18.16
CA GLU C 62 -26.76 -21.93 18.85
C GLU C 62 -25.93 -22.91 18.04
N ASN C 63 -26.08 -22.92 16.72
CA ASN C 63 -25.16 -23.72 15.93
C ASN C 63 -23.71 -23.24 16.10
N PHE C 64 -23.53 -21.97 16.43
CA PHE C 64 -22.18 -21.46 16.66
C PHE C 64 -21.64 -21.93 18.00
N LYS C 65 -22.48 -21.92 19.04
CA LYS C 65 -22.05 -22.42 20.34
C LYS C 65 -21.61 -23.87 20.29
N LYS C 66 -21.94 -24.61 19.22
CA LYS C 66 -21.49 -25.99 19.08
C LYS C 66 -19.98 -26.13 18.84
N TYR C 67 -19.28 -25.04 18.53
CA TYR C 67 -17.86 -25.15 18.21
C TYR C 67 -17.03 -24.95 19.47
N GLY C 68 -16.00 -25.76 19.62
CA GLY C 68 -15.09 -25.61 20.74
C GLY C 68 -15.68 -26.11 22.04
N ARG C 69 -14.83 -26.30 23.04
CA ARG C 69 -15.24 -26.86 24.30
C ARG C 69 -14.60 -26.05 25.41
N ASN C 70 -15.22 -26.13 26.58
CA ASN C 70 -14.76 -25.39 27.74
C ASN C 70 -13.55 -26.09 28.36
N PRO C 71 -12.82 -25.40 29.25
CA PRO C 71 -11.71 -26.06 29.95
C PRO C 71 -12.18 -27.21 30.83
N LYS C 72 -11.88 -28.44 30.41
CA LYS C 72 -12.08 -29.63 31.24
C LYS C 72 -10.74 -30.15 31.79
N SER C 73 -9.86 -29.22 32.21
CA SER C 73 -8.56 -29.48 32.81
C SER C 73 -7.78 -28.19 33.02
N LYS C 74 -6.57 -28.29 33.58
CA LYS C 74 -5.64 -27.17 33.54
C LYS C 74 -4.98 -27.12 32.18
N LYS C 75 -4.80 -25.90 31.66
CA LYS C 75 -4.37 -25.75 30.28
C LYS C 75 -3.01 -26.40 30.05
N ILE C 76 -2.11 -26.30 31.03
CA ILE C 76 -0.76 -26.81 30.83
C ILE C 76 -0.80 -28.31 30.50
N GLN C 77 -1.71 -29.05 31.12
CA GLN C 77 -1.73 -30.50 30.94
C GLN C 77 -2.36 -30.89 29.61
N GLU C 78 -3.36 -30.17 29.15
CA GLU C 78 -3.89 -30.45 27.81
C GLU C 78 -2.89 -30.05 26.72
N ASP C 79 -2.20 -28.92 26.89
CA ASP C 79 -1.21 -28.53 25.88
C ASP C 79 -0.04 -29.50 25.87
N PHE C 80 0.33 -30.02 27.06
CA PHE C 80 1.41 -31.00 27.12
C PHE C 80 1.06 -32.23 26.30
N ARG C 81 -0.14 -32.77 26.48
CA ARG C 81 -0.59 -33.91 25.70
C ARG C 81 -0.69 -33.56 24.22
N ASP C 82 -1.23 -32.40 23.88
CA ASP C 82 -1.33 -32.04 22.45
C ASP C 82 0.05 -31.98 21.80
N ARG C 83 1.07 -31.49 22.52
CA ARG C 83 2.43 -31.45 21.95
C ARG C 83 2.95 -32.83 21.60
N TYR C 84 2.87 -33.78 22.57
CA TYR C 84 3.27 -35.16 22.31
C TYR C 84 2.49 -35.74 21.13
N ARG C 85 1.17 -35.62 21.16
CA ARG C 85 0.36 -36.05 20.03
C ARG C 85 0.77 -35.35 18.72
N ASN C 86 1.06 -34.05 18.79
CA ASN C 86 1.43 -33.36 17.53
C ASN C 86 2.74 -33.87 16.99
N ALA C 87 3.69 -34.24 17.87
CA ALA C 87 4.93 -34.85 17.41
C ALA C 87 4.68 -36.17 16.68
N LYS C 88 3.75 -36.99 17.19
CA LYS C 88 3.44 -38.25 16.50
C LYS C 88 2.76 -37.99 15.16
N ILE C 89 1.88 -37.00 15.11
CA ILE C 89 1.21 -36.69 13.84
C ILE C 89 2.24 -36.23 12.80
N ASP C 90 3.23 -35.43 13.25
CA ASP C 90 4.25 -34.91 12.33
C ASP C 90 4.96 -36.05 11.62
N GLU C 91 5.15 -37.16 12.33
CA GLU C 91 5.89 -38.30 11.78
C GLU C 91 5.19 -38.84 10.55
N TYR C 92 3.87 -38.88 10.59
CA TYR C 92 3.08 -39.31 9.45
C TYR C 92 3.11 -38.27 8.34
N LEU C 93 3.01 -36.98 8.70
CA LEU C 93 3.04 -35.92 7.70
C LEU C 93 4.38 -35.89 6.97
N LEU C 94 5.47 -36.13 7.70
CA LEU C 94 6.79 -36.16 7.06
C LEU C 94 6.88 -37.28 6.04
N LEU C 95 6.18 -38.39 6.26
CA LEU C 95 6.27 -39.56 5.39
C LEU C 95 5.17 -39.64 4.34
N TYR C 96 4.02 -39.03 4.57
CA TYR C 96 2.85 -39.17 3.72
C TYR C 96 2.19 -37.79 3.59
N GLU C 97 2.86 -36.90 2.84
CA GLU C 97 2.49 -35.49 2.78
C GLU C 97 1.04 -35.25 2.40
N ASP C 98 0.40 -36.18 1.71
CA ASP C 98 -0.96 -35.93 1.24
C ASP C 98 -2.02 -36.82 1.89
N MET C 99 -1.63 -37.66 2.85
CA MET C 99 -2.55 -38.60 3.47
C MET C 99 -3.66 -37.85 4.18
N ASP C 100 -4.81 -38.50 4.29
CA ASP C 100 -5.95 -37.92 5.00
C ASP C 100 -5.61 -37.69 6.48
N ILE C 101 -5.80 -36.46 6.97
CA ILE C 101 -5.35 -36.16 8.33
C ILE C 101 -6.20 -36.88 9.39
N LYS C 102 -7.45 -37.21 9.08
CA LYS C 102 -8.31 -37.96 10.00
C LYS C 102 -7.79 -39.38 10.21
N ALA C 103 -7.30 -40.02 9.14
CA ALA C 103 -6.69 -41.33 9.26
C ALA C 103 -5.41 -41.26 10.08
N ILE C 104 -4.62 -40.20 9.88
CA ILE C 104 -3.41 -40.01 10.67
C ILE C 104 -3.76 -39.84 12.14
N GLU C 105 -4.74 -38.98 12.42
CA GLU C 105 -5.07 -38.69 13.81
C GLU C 105 -5.61 -39.94 14.49
N ALA C 106 -6.39 -40.74 13.75
CA ALA C 106 -6.96 -41.96 14.31
C ALA C 106 -5.87 -42.99 14.57
N MET C 107 -4.88 -43.07 13.69
CA MET C 107 -3.79 -44.00 13.89
C MET C 107 -2.95 -43.61 15.11
N VAL C 108 -2.62 -42.33 15.22
CA VAL C 108 -1.92 -41.83 16.40
C VAL C 108 -2.75 -42.10 17.66
N ASP C 109 -4.03 -41.70 17.66
CA ASP C 109 -4.90 -41.85 18.83
C ASP C 109 -5.22 -43.30 19.18
N SER C 110 -4.92 -44.26 18.30
CA SER C 110 -5.24 -45.63 18.63
C SER C 110 -4.01 -46.45 19.04
N GLU C 111 -2.81 -45.87 19.01
CA GLU C 111 -1.66 -46.53 19.61
C GLU C 111 -1.93 -46.84 21.09
N LEU C 112 -1.48 -48.00 21.55
CA LEU C 112 -1.83 -48.42 22.90
C LEU C 112 -0.80 -47.95 23.90
N GLU C 113 0.06 -47.07 23.46
CA GLU C 113 1.32 -46.92 24.12
C GLU C 113 1.81 -45.53 23.76
N GLY C 114 2.84 -45.08 24.48
CA GLY C 114 3.35 -43.74 24.31
C GLY C 114 2.31 -42.69 24.67
N LEU C 115 1.72 -42.07 23.65
CA LEU C 115 0.62 -41.13 23.87
C LEU C 115 -0.45 -41.74 24.75
N ALA C 116 -0.73 -43.02 24.58
CA ALA C 116 -1.79 -43.68 25.35
C ALA C 116 -1.53 -43.67 26.85
N ALA C 117 -0.28 -43.50 27.31
CA ALA C 117 -0.05 -43.37 28.75
C ALA C 117 -0.62 -42.08 29.32
N LEU C 118 -0.84 -41.07 28.49
CA LEU C 118 -1.29 -39.76 28.94
C LEU C 118 -2.81 -39.70 28.95
N ALA C 119 -3.38 -39.54 30.14
CA ALA C 119 -4.82 -39.45 30.29
C ALA C 119 -5.38 -38.37 29.37
N ASN C 120 -6.50 -38.65 28.80
CA ASN C 120 -7.26 -37.93 27.81
C ASN C 120 -8.31 -37.08 28.51
N PRO C 121 -8.32 -35.76 28.32
CA PRO C 121 -9.30 -34.88 29.00
C PRO C 121 -10.77 -35.15 28.61
N GLY C 154 -18.38 -11.38 27.12
CA GLY C 154 -18.88 -11.64 25.78
C GLY C 154 -20.19 -10.93 25.43
N ARG C 155 -20.09 -9.93 24.54
CA ARG C 155 -21.24 -9.08 24.23
C ARG C 155 -22.29 -9.82 23.40
N SER C 156 -21.89 -10.75 22.55
CA SER C 156 -22.87 -11.44 21.73
C SER C 156 -23.75 -12.36 22.58
N LEU C 157 -23.25 -12.86 23.70
CA LEU C 157 -24.06 -13.73 24.54
C LEU C 157 -25.03 -12.92 25.38
N ASN C 158 -24.60 -11.75 25.84
CA ASN C 158 -25.48 -10.90 26.64
C ASN C 158 -26.76 -10.54 25.88
N ILE C 159 -26.63 -10.23 24.58
CA ILE C 159 -27.80 -10.03 23.75
C ILE C 159 -28.69 -11.28 23.71
N GLU C 160 -28.21 -12.39 24.24
CA GLU C 160 -29.03 -13.60 24.37
C GLU C 160 -29.23 -14.06 25.83
N LEU C 187 -26.35 -0.40 19.44
CA LEU C 187 -25.00 -0.95 19.18
C LEU C 187 -23.90 0.09 18.87
N VAL C 188 -24.23 1.06 18.00
CA VAL C 188 -23.22 1.99 17.51
C VAL C 188 -23.04 3.21 18.42
N GLU C 189 -23.76 3.29 19.52
CA GLU C 189 -23.49 4.36 20.48
C GLU C 189 -22.96 3.75 21.76
N ASN C 190 -22.43 4.61 22.63
CA ASN C 190 -21.92 4.33 23.96
C ASN C 190 -20.50 3.78 23.90
N LEU C 191 -19.90 3.71 22.71
CA LEU C 191 -18.49 3.38 22.59
C LEU C 191 -17.67 4.22 23.56
N GLU C 192 -16.73 3.57 24.25
CA GLU C 192 -15.97 4.18 25.33
C GLU C 192 -14.51 4.33 24.92
N ILE C 193 -13.90 5.46 25.28
CA ILE C 193 -12.55 5.85 24.86
C ILE C 193 -11.61 5.80 26.07
N VAL C 194 -10.44 5.21 25.88
CA VAL C 194 -9.51 4.79 26.95
C VAL C 194 -10.17 3.69 27.74
N PHE D 2 12.93 -24.08 2.68
CA PHE D 2 11.51 -23.97 2.33
C PHE D 2 11.23 -24.09 0.82
N GLU D 3 11.93 -25.03 0.17
CA GLU D 3 11.75 -25.20 -1.27
C GLU D 3 10.32 -25.61 -1.63
N LYS D 4 9.73 -26.50 -0.83
CA LYS D 4 8.40 -27.00 -1.20
C LYS D 4 7.36 -25.90 -1.08
N PHE D 5 7.49 -25.06 -0.05
CA PHE D 5 6.59 -23.91 0.09
C PHE D 5 6.62 -23.01 -1.15
N LEU D 6 7.83 -22.62 -1.59
CA LEU D 6 7.94 -21.83 -2.81
C LEU D 6 7.32 -22.56 -4.01
N GLU D 7 7.61 -23.87 -4.17
CA GLU D 7 7.05 -24.62 -5.30
C GLU D 7 5.53 -24.64 -5.28
N ARG D 8 4.93 -24.82 -4.10
CA ARG D 8 3.52 -25.19 -4.04
C ARG D 8 2.61 -24.00 -3.85
N SER D 9 3.15 -22.85 -3.49
CA SER D 9 2.34 -21.64 -3.35
C SER D 9 2.02 -21.09 -4.74
N GLY D 10 0.74 -20.98 -5.06
CA GLY D 10 0.32 -20.41 -6.34
C GLY D 10 0.35 -18.88 -6.30
N ASN D 11 0.93 -18.28 -7.36
CA ASN D 11 0.83 -16.83 -7.58
C ASN D 11 1.34 -16.05 -6.37
N SER D 12 2.49 -16.46 -5.83
CA SER D 12 3.07 -15.75 -4.69
C SER D 12 3.33 -14.29 -5.04
N ILE D 13 3.14 -13.40 -4.06
CA ILE D 13 3.52 -12.00 -4.18
C ILE D 13 4.25 -11.61 -2.91
N LYS D 14 5.55 -11.39 -3.02
CA LYS D 14 6.35 -10.93 -1.90
C LYS D 14 6.30 -9.41 -1.87
N LEU D 15 5.59 -8.86 -0.88
CA LEU D 15 5.45 -7.41 -0.80
C LEU D 15 6.68 -6.76 -0.21
N GLU D 16 7.45 -7.48 0.61
CA GLU D 16 8.63 -6.88 1.23
C GLU D 16 9.47 -7.86 2.02
N GLU D 17 10.78 -7.62 2.05
CA GLU D 17 11.66 -8.32 2.96
C GLU D 17 11.60 -7.69 4.35
N PHE D 18 11.90 -8.51 5.36
CA PHE D 18 12.00 -8.06 6.73
C PHE D 18 13.37 -7.41 6.98
N SER D 19 13.39 -6.39 7.83
CA SER D 19 14.63 -5.92 8.43
C SER D 19 15.24 -7.00 9.34
N GLU D 20 16.55 -7.20 9.20
CA GLU D 20 17.25 -8.14 10.06
C GLU D 20 17.25 -7.71 11.51
N ASP D 21 17.54 -6.42 11.78
CA ASP D 21 17.44 -5.94 13.16
C ASP D 21 16.06 -6.21 13.74
N TYR D 22 15.03 -6.02 12.94
CA TYR D 22 13.67 -6.24 13.44
C TYR D 22 13.50 -7.70 13.89
N ILE D 23 13.84 -8.65 13.03
CA ILE D 23 13.50 -10.03 13.37
C ILE D 23 14.44 -10.61 14.41
N ARG D 24 15.67 -10.09 14.54
CA ARG D 24 16.51 -10.69 15.56
C ARG D 24 16.07 -10.30 16.96
N GLN D 25 15.18 -9.30 17.08
CA GLN D 25 14.71 -9.10 18.44
C GLN D 25 13.81 -10.25 18.88
N TYR D 26 13.50 -11.18 17.99
CA TYR D 26 12.73 -12.37 18.31
C TYR D 26 13.60 -13.61 18.49
N ASN D 27 14.93 -13.42 18.62
CA ASN D 27 15.88 -14.54 18.62
C ASN D 27 15.52 -15.61 19.65
N ASN D 28 15.10 -15.23 20.83
CA ASN D 28 14.76 -16.22 21.85
C ASN D 28 13.27 -16.32 22.05
N LEU D 29 12.47 -15.82 21.10
CA LEU D 29 11.02 -15.94 21.23
C LEU D 29 10.43 -16.91 20.22
N VAL D 30 11.16 -17.25 19.16
CA VAL D 30 10.64 -18.11 18.12
C VAL D 30 11.76 -19.02 17.67
N SER D 31 11.38 -20.01 16.89
CA SER D 31 12.34 -21.01 16.46
C SER D 31 13.22 -20.42 15.38
N GLU D 32 14.39 -21.03 15.26
CA GLU D 32 15.29 -20.77 14.15
C GLU D 32 14.59 -20.99 12.81
N LYS D 33 13.67 -21.96 12.73
CA LYS D 33 12.99 -22.24 11.46
C LYS D 33 12.09 -21.08 11.08
N LEU D 34 11.44 -20.47 12.07
CA LEU D 34 10.56 -19.34 11.77
C LEU D 34 11.36 -18.14 11.31
N ILE D 35 12.47 -17.84 11.99
CA ILE D 35 13.33 -16.76 11.52
C ILE D 35 13.81 -17.06 10.09
N SER D 36 14.15 -18.31 9.79
CA SER D 36 14.50 -18.68 8.41
C SER D 36 13.33 -18.49 7.46
N PHE D 37 12.12 -18.90 7.86
CA PHE D 37 10.96 -18.67 7.01
C PHE D 37 10.77 -17.18 6.74
N TRP D 38 10.95 -16.36 7.78
CA TRP D 38 10.79 -14.92 7.64
C TRP D 38 11.76 -14.35 6.61
N ARG D 39 13.01 -14.84 6.62
CA ARG D 39 13.97 -14.37 5.62
C ARG D 39 13.54 -14.79 4.22
N ILE D 40 12.89 -15.95 4.08
CA ILE D 40 12.51 -16.44 2.75
C ILE D 40 11.25 -15.76 2.26
N ALA D 41 10.22 -15.66 3.12
CA ALA D 41 8.90 -15.22 2.71
C ALA D 41 8.64 -13.72 2.91
N GLY D 42 9.33 -13.06 3.84
CA GLY D 42 9.06 -11.64 4.10
C GLY D 42 7.59 -11.39 4.44
N ILE D 43 7.12 -10.19 4.10
CA ILE D 43 5.71 -9.82 4.14
C ILE D 43 5.12 -10.14 2.77
N GLY D 44 4.05 -10.95 2.71
CA GLY D 44 3.63 -11.43 1.40
C GLY D 44 2.28 -12.12 1.38
N ILE D 45 1.76 -12.31 0.18
CA ILE D 45 0.49 -13.00 -0.04
C ILE D 45 0.79 -14.28 -0.82
N TYR D 46 0.38 -15.43 -0.26
CA TYR D 46 0.81 -16.73 -0.72
C TYR D 46 -0.38 -17.62 -0.94
N CYS D 47 -0.14 -18.72 -1.66
CA CYS D 47 -1.14 -19.73 -1.99
C CYS D 47 -2.40 -19.10 -2.59
N ASN D 48 -2.22 -18.43 -3.74
CA ASN D 48 -3.36 -17.86 -4.48
C ASN D 48 -4.22 -16.95 -3.60
N GLY D 49 -3.56 -16.22 -2.69
CA GLY D 49 -4.28 -15.28 -1.85
C GLY D 49 -4.78 -15.82 -0.52
N LEU D 50 -4.53 -17.08 -0.21
CA LEU D 50 -5.15 -17.70 0.98
C LEU D 50 -4.45 -17.32 2.29
N PHE D 51 -3.13 -17.20 2.27
CA PHE D 51 -2.30 -17.00 3.46
C PHE D 51 -1.47 -15.74 3.31
N ARG D 52 -1.33 -14.98 4.40
CA ARG D 52 -0.53 -13.77 4.40
C ARG D 52 0.45 -13.76 5.57
N THR D 53 1.72 -13.44 5.27
CA THR D 53 2.71 -13.24 6.31
C THR D 53 2.72 -11.76 6.68
N ILE D 54 2.68 -11.48 7.98
CA ILE D 54 2.34 -10.17 8.48
C ILE D 54 3.45 -9.71 9.38
N ILE D 55 3.38 -8.44 9.75
CA ILE D 55 4.32 -7.87 10.69
C ILE D 55 3.87 -8.26 12.10
N PRO D 56 4.68 -9.06 12.81
CA PRO D 56 4.25 -9.58 14.11
C PRO D 56 3.79 -8.52 15.10
N ASN D 57 4.51 -7.41 15.24
CA ASN D 57 4.10 -6.46 16.26
C ASN D 57 2.81 -5.77 15.88
N ASP D 58 2.46 -5.72 14.60
CA ASP D 58 1.18 -5.10 14.26
C ASP D 58 0.01 -5.97 14.74
N TYR D 59 0.23 -7.25 15.01
CA TYR D 59 -0.81 -8.16 15.50
C TYR D 59 -0.61 -8.58 16.94
N GLN D 60 0.43 -8.06 17.61
CA GLN D 60 0.80 -8.52 18.94
C GLN D 60 -0.28 -8.18 19.95
N TYR D 61 -0.78 -6.95 19.91
CA TYR D 61 -1.78 -6.60 20.91
C TYR D 61 -3.05 -7.41 20.71
N ILE D 62 -3.52 -7.55 19.47
CA ILE D 62 -4.81 -8.20 19.32
C ILE D 62 -4.74 -9.68 19.66
N ILE D 63 -3.61 -10.33 19.39
CA ILE D 63 -3.53 -11.74 19.74
C ILE D 63 -3.55 -11.93 21.25
N GLU D 64 -2.95 -11.00 22.00
CA GLU D 64 -2.87 -11.05 23.45
C GLU D 64 -4.18 -10.66 24.13
N GLU D 65 -5.10 -10.01 23.42
CA GLU D 65 -6.45 -9.75 23.92
C GLU D 65 -7.35 -10.96 23.84
N CYS D 66 -6.98 -11.99 23.10
CA CYS D 66 -7.84 -13.16 23.04
C CYS D 66 -7.16 -14.50 23.33
N TYR D 67 -5.83 -14.57 23.47
CA TYR D 67 -5.24 -15.88 23.73
C TYR D 67 -4.66 -15.93 25.12
N PRO D 68 -5.33 -16.57 26.08
CA PRO D 68 -4.82 -16.56 27.47
C PRO D 68 -3.50 -17.31 27.53
N MET D 69 -2.59 -16.78 28.33
CA MET D 69 -1.26 -17.32 28.44
C MET D 69 -0.83 -17.38 29.88
N TYR D 70 -0.01 -18.37 30.20
CA TYR D 70 0.71 -18.34 31.46
C TYR D 70 1.79 -17.27 31.38
N ASP D 71 2.32 -16.88 32.54
CA ASP D 71 3.32 -15.82 32.62
C ASP D 71 4.63 -16.23 31.99
N TYR D 72 4.92 -17.53 31.92
CA TYR D 72 6.14 -17.96 31.26
C TYR D 72 5.94 -18.19 29.75
N GLU D 73 4.80 -17.78 29.16
CA GLU D 73 4.63 -17.93 27.72
C GLU D 73 4.73 -16.56 27.04
N THR D 74 5.27 -16.57 25.84
CA THR D 74 5.19 -15.41 24.94
C THR D 74 4.67 -15.90 23.60
N VAL D 75 3.75 -15.13 23.00
CA VAL D 75 3.11 -15.49 21.75
C VAL D 75 3.54 -14.50 20.66
N THR D 76 3.91 -15.02 19.48
CA THR D 76 4.36 -14.20 18.35
C THR D 76 3.58 -14.49 17.06
N PRO D 77 2.66 -13.63 16.64
CA PRO D 77 1.93 -13.87 15.38
C PRO D 77 2.85 -13.81 14.17
N PHE D 78 2.58 -14.67 13.20
CA PHE D 78 3.38 -14.65 11.99
C PHE D 78 2.63 -14.92 10.68
N MET D 79 1.40 -15.40 10.70
CA MET D 79 0.68 -15.66 9.45
C MET D 79 -0.82 -15.56 9.74
N ILE D 80 -1.55 -15.02 8.78
CA ILE D 80 -3.00 -14.94 8.86
C ILE D 80 -3.59 -15.64 7.63
N THR D 81 -4.84 -16.05 7.75
CA THR D 81 -5.56 -16.55 6.60
C THR D 81 -6.34 -15.40 5.98
N VAL D 82 -6.89 -15.66 4.78
CA VAL D 82 -7.73 -14.66 4.12
C VAL D 82 -8.93 -14.25 4.98
N PHE D 83 -9.31 -15.06 6.00
CA PHE D 83 -10.50 -14.78 6.79
C PHE D 83 -10.20 -13.98 8.05
N GLY D 84 -8.92 -13.75 8.36
CA GLY D 84 -8.58 -13.13 9.61
C GLY D 84 -8.13 -14.10 10.68
N ASP D 85 -8.08 -15.39 10.38
CA ASP D 85 -7.55 -16.36 11.33
C ASP D 85 -6.04 -16.19 11.47
N ILE D 86 -5.51 -16.54 12.64
CA ILE D 86 -4.15 -16.17 13.02
C ILE D 86 -3.35 -17.39 13.42
N PHE D 87 -2.17 -17.53 12.84
CA PHE D 87 -1.14 -18.45 13.29
C PHE D 87 -0.15 -17.69 14.15
N ALA D 88 0.28 -18.32 15.24
CA ALA D 88 1.26 -17.66 16.09
C ALA D 88 2.15 -18.70 16.75
N TYR D 89 3.38 -18.29 17.04
CA TYR D 89 4.38 -19.15 17.66
C TYR D 89 4.39 -18.84 19.15
N VAL D 90 4.29 -19.89 19.97
CA VAL D 90 4.27 -19.73 21.41
C VAL D 90 5.56 -20.33 21.97
N LYS D 91 6.40 -19.47 22.57
CA LYS D 91 7.52 -19.88 23.42
C LYS D 91 7.02 -20.30 24.81
N ASN D 92 7.41 -21.50 25.26
CA ASN D 92 6.93 -22.03 26.56
C ASN D 92 8.08 -22.83 27.15
N HIS D 93 8.72 -22.30 28.19
CA HIS D 93 9.94 -22.93 28.74
C HIS D 93 9.65 -24.09 29.68
N VAL D 94 8.38 -24.36 29.99
CA VAL D 94 8.02 -25.48 30.85
C VAL D 94 7.69 -26.73 30.05
N ILE D 95 6.77 -26.64 29.08
CA ILE D 95 6.44 -27.81 28.27
C ILE D 95 7.06 -27.76 26.88
N GLY D 96 7.61 -26.64 26.48
CA GLY D 96 8.16 -26.56 25.16
C GLY D 96 7.20 -25.84 24.25
N ASP D 97 7.70 -25.49 23.07
CA ASP D 97 7.04 -24.56 22.19
C ASP D 97 5.90 -25.23 21.44
N TYR D 98 5.04 -24.42 20.85
CA TYR D 98 3.99 -24.92 19.97
C TYR D 98 3.51 -23.72 19.14
N VAL D 99 2.77 -24.02 18.08
CA VAL D 99 2.05 -23.03 17.30
C VAL D 99 0.57 -23.11 17.69
N VAL D 100 -0.11 -21.97 17.75
CA VAL D 100 -1.54 -21.96 17.96
C VAL D 100 -2.21 -21.37 16.70
N PHE D 101 -3.25 -22.03 16.22
CA PHE D 101 -4.09 -21.48 15.18
C PHE D 101 -5.37 -20.98 15.83
N ILE D 102 -5.67 -19.71 15.62
CA ILE D 102 -6.84 -19.06 16.18
C ILE D 102 -7.81 -18.82 15.05
N ASN D 103 -8.95 -19.51 15.09
CA ASN D 103 -9.97 -19.39 14.05
C ASN D 103 -10.90 -18.27 14.47
N ILE D 104 -10.77 -17.11 13.81
CA ILE D 104 -11.52 -15.92 14.21
C ILE D 104 -13.01 -16.04 13.87
N ARG D 105 -13.35 -16.87 12.88
CA ARG D 105 -14.74 -17.01 12.48
C ARG D 105 -15.54 -17.73 13.58
N TYR D 106 -14.99 -18.81 14.11
CA TYR D 106 -15.67 -19.69 15.05
C TYR D 106 -15.14 -19.55 16.47
N GLY D 107 -14.15 -18.71 16.71
CA GLY D 107 -13.70 -18.42 18.05
C GLY D 107 -13.02 -19.61 18.72
N THR D 108 -12.26 -20.39 17.98
CA THR D 108 -11.52 -21.48 18.58
C THR D 108 -10.02 -21.26 18.51
N PHE D 109 -9.28 -21.99 19.34
CA PHE D 109 -7.84 -22.12 19.16
C PHE D 109 -7.49 -23.59 19.10
N LYS D 110 -6.52 -23.94 18.26
CA LYS D 110 -6.05 -25.30 18.11
C LYS D 110 -4.54 -25.28 18.31
N ILE D 111 -4.04 -26.24 19.09
CA ILE D 111 -2.61 -26.38 19.36
C ILE D 111 -2.00 -27.21 18.25
N LEU D 112 -0.96 -26.66 17.62
CA LEU D 112 -0.29 -27.24 16.47
C LEU D 112 1.17 -27.50 16.85
N SER D 113 1.77 -28.45 16.18
CA SER D 113 3.19 -28.71 16.35
C SER D 113 4.01 -27.42 16.29
N GLU D 114 5.12 -27.40 17.04
CA GLU D 114 6.11 -26.34 16.90
C GLU D 114 6.84 -26.38 15.57
N ASN D 115 6.80 -27.49 14.84
CA ASN D 115 7.65 -27.64 13.64
C ASN D 115 7.07 -26.82 12.49
N ILE D 116 7.64 -25.64 12.28
CA ILE D 116 7.30 -24.71 11.19
C ILE D 116 7.64 -25.27 9.80
N ASP D 117 8.70 -26.06 9.70
CA ASP D 117 9.03 -26.71 8.44
C ASP D 117 7.86 -27.56 7.93
N ILE D 118 7.32 -28.43 8.79
CA ILE D 118 6.24 -29.30 8.34
C ILE D 118 4.98 -28.50 8.09
N LEU D 119 4.73 -27.47 8.91
CA LEU D 119 3.52 -26.68 8.74
C LEU D 119 3.53 -25.96 7.40
N LEU D 120 4.63 -25.30 7.07
CA LEU D 120 4.63 -24.47 5.86
C LEU D 120 5.03 -25.23 4.60
N ASN D 121 5.79 -26.31 4.69
CA ASN D 121 6.07 -27.11 3.49
C ASN D 121 5.03 -28.18 3.21
N ILE D 122 4.26 -28.63 4.22
CA ILE D 122 3.35 -29.78 4.01
C ILE D 122 1.92 -29.48 4.42
N VAL D 123 1.71 -29.10 5.68
CA VAL D 123 0.36 -29.03 6.22
C VAL D 123 -0.51 -28.11 5.38
N ILE D 124 -0.02 -26.91 5.06
CA ILE D 124 -0.93 -25.93 4.46
C ILE D 124 -1.25 -26.23 3.01
N PHE D 125 -0.61 -27.24 2.40
CA PHE D 125 -1.07 -27.76 1.11
C PHE D 125 -1.79 -29.08 1.23
N ASN D 126 -1.97 -29.60 2.45
CA ASN D 126 -2.69 -30.86 2.62
C ASN D 126 -4.16 -30.54 2.66
N LYS D 127 -4.89 -31.06 1.67
CA LYS D 127 -6.29 -30.70 1.51
C LYS D 127 -7.11 -31.00 2.76
N SER D 128 -6.87 -32.16 3.39
CA SER D 128 -7.66 -32.51 4.56
C SER D 128 -7.30 -31.62 5.76
N CYS D 129 -6.02 -31.22 5.88
CA CYS D 129 -5.70 -30.26 6.93
C CYS D 129 -6.35 -28.92 6.67
N LEU D 130 -6.32 -28.45 5.41
CA LEU D 130 -6.97 -27.19 5.06
C LEU D 130 -8.45 -27.22 5.43
N GLU D 131 -9.10 -28.37 5.23
CA GLU D 131 -10.50 -28.48 5.64
C GLU D 131 -10.68 -28.72 7.13
N ASN D 132 -10.06 -29.77 7.66
CA ASN D 132 -10.41 -30.17 9.04
C ASN D 132 -9.73 -29.29 10.07
N TRP D 133 -8.49 -28.83 9.79
CA TRP D 133 -7.81 -28.04 10.80
C TRP D 133 -8.17 -26.57 10.69
N PHE D 134 -8.27 -26.04 9.46
CA PHE D 134 -8.35 -24.60 9.26
C PHE D 134 -9.68 -24.11 8.70
N LEU D 135 -10.55 -25.01 8.20
CA LEU D 135 -11.87 -24.64 7.63
C LEU D 135 -11.72 -23.68 6.46
N LEU D 136 -10.87 -24.04 5.51
CA LEU D 136 -10.50 -23.21 4.37
C LEU D 136 -10.94 -23.84 3.04
N ASN D 137 -11.79 -24.89 3.11
CA ASN D 137 -12.17 -25.66 1.93
C ASN D 137 -13.08 -24.91 0.97
N GLU D 138 -13.80 -23.89 1.44
CA GLU D 138 -14.69 -23.13 0.57
C GLU D 138 -14.00 -21.92 -0.08
N TYR D 139 -12.68 -21.81 0.07
CA TYR D 139 -11.98 -20.61 -0.41
C TYR D 139 -12.00 -20.50 -1.93
N ASN D 140 -11.66 -21.58 -2.63
CA ASN D 140 -11.72 -21.57 -4.10
C ASN D 140 -13.11 -21.18 -4.60
N THR D 141 -14.18 -21.60 -3.92
CA THR D 141 -15.53 -21.17 -4.26
C THR D 141 -15.75 -19.68 -4.00
N ILE D 142 -15.15 -19.13 -2.93
CA ILE D 142 -15.23 -17.69 -2.70
C ILE D 142 -14.37 -16.93 -3.72
N LYS D 143 -13.18 -17.46 -4.02
CA LYS D 143 -12.22 -16.81 -4.89
C LYS D 143 -12.83 -16.41 -6.24
N GLU D 144 -13.82 -17.17 -6.74
CA GLU D 144 -14.38 -16.90 -8.06
C GLU D 144 -15.48 -15.84 -8.04
N VAL D 145 -16.20 -15.70 -6.92
CA VAL D 145 -17.23 -14.66 -6.80
C VAL D 145 -16.73 -13.38 -6.13
N LYS D 146 -15.61 -13.43 -5.40
CA LYS D 146 -15.18 -12.27 -4.62
C LYS D 146 -13.76 -11.86 -5.03
N ALA D 147 -13.50 -10.56 -4.97
CA ALA D 147 -12.16 -10.06 -5.23
C ALA D 147 -11.22 -10.44 -4.08
N MET D 148 -9.92 -10.26 -4.32
CA MET D 148 -8.89 -10.64 -3.34
C MET D 148 -8.71 -9.54 -2.30
N PRO D 149 -8.84 -9.84 -1.01
CA PRO D 149 -8.49 -8.84 0.00
C PRO D 149 -7.00 -8.53 -0.07
N LYS D 150 -6.69 -7.24 0.12
CA LYS D 150 -5.31 -6.83 0.28
C LYS D 150 -4.83 -7.26 1.66
N ILE D 151 -3.54 -7.04 1.91
CA ILE D 151 -2.94 -7.56 3.12
C ILE D 151 -3.55 -6.91 4.36
N ASP D 152 -4.12 -5.71 4.26
CA ASP D 152 -4.76 -5.13 5.45
C ASP D 152 -6.27 -5.40 5.45
N GLU D 153 -6.72 -6.36 4.64
CA GLU D 153 -8.13 -6.72 4.54
C GLU D 153 -8.32 -8.21 4.79
N CYS D 154 -9.59 -8.61 4.97
CA CYS D 154 -9.98 -10.02 4.92
C CYS D 154 -11.39 -10.15 4.34
N TYR D 155 -11.78 -11.38 4.07
CA TYR D 155 -13.20 -11.75 3.97
C TYR D 155 -13.83 -11.76 5.34
N GLY D 156 -14.58 -10.72 5.68
CA GLY D 156 -15.34 -10.70 6.92
C GLY D 156 -16.79 -11.14 6.74
N TYR D 157 -17.37 -11.72 7.79
CA TYR D 157 -18.80 -12.05 7.78
C TYR D 157 -19.56 -10.88 8.38
N VAL D 158 -20.52 -10.36 7.62
CA VAL D 158 -21.48 -9.37 8.10
C VAL D 158 -22.85 -10.04 7.99
N PRO D 159 -23.51 -10.35 9.11
CA PRO D 159 -22.94 -10.20 10.46
C PRO D 159 -21.94 -11.31 10.77
N ALA D 160 -21.07 -11.07 11.75
CA ALA D 160 -20.08 -12.07 12.11
C ALA D 160 -20.77 -13.35 12.60
N LEU D 161 -20.07 -14.49 12.45
CA LEU D 161 -20.66 -15.77 12.85
C LEU D 161 -20.90 -15.83 14.36
N VAL D 162 -20.08 -15.14 15.15
CA VAL D 162 -20.31 -15.12 16.59
C VAL D 162 -21.52 -14.28 16.94
N ALA D 163 -21.91 -13.38 16.05
CA ALA D 163 -23.13 -12.59 16.25
C ALA D 163 -24.27 -13.12 15.38
N GLY D 164 -24.33 -14.44 15.23
CA GLY D 164 -25.47 -15.09 14.63
C GLY D 164 -25.55 -15.00 13.13
N GLY D 165 -24.51 -14.51 12.48
CA GLY D 165 -24.53 -14.47 11.03
C GLY D 165 -24.57 -15.87 10.44
N LYS D 166 -25.11 -15.96 9.24
CA LYS D 166 -25.04 -17.25 8.58
C LYS D 166 -23.68 -17.41 7.92
N ASP D 167 -23.24 -18.66 7.82
CA ASP D 167 -21.96 -19.00 7.25
C ASP D 167 -22.15 -19.31 5.76
N CYS D 168 -22.31 -18.23 4.99
CA CYS D 168 -22.50 -18.34 3.56
C CYS D 168 -21.76 -17.21 2.86
N ILE D 169 -21.51 -17.41 1.57
CA ILE D 169 -20.77 -16.44 0.77
C ILE D 169 -21.52 -15.11 0.66
N ASP D 170 -22.85 -15.14 0.69
CA ASP D 170 -23.61 -13.91 0.54
C ASP D 170 -23.47 -12.97 1.73
N ASN D 171 -22.96 -13.45 2.86
CA ASN D 171 -22.72 -12.58 4.01
C ASN D 171 -21.28 -12.12 4.09
N ILE D 172 -20.45 -12.43 3.09
CA ILE D 172 -19.03 -12.15 3.13
C ILE D 172 -18.75 -10.80 2.49
N GLN D 173 -18.03 -9.94 3.22
CA GLN D 173 -17.60 -8.64 2.73
C GLN D 173 -16.11 -8.47 2.92
N ILE D 174 -15.45 -7.92 1.90
CA ILE D 174 -14.07 -7.45 2.07
C ILE D 174 -14.08 -6.32 3.09
N VAL D 175 -13.33 -6.48 4.18
CA VAL D 175 -13.30 -5.47 5.23
C VAL D 175 -11.87 -5.25 5.67
N LYS D 176 -11.63 -4.09 6.26
CA LYS D 176 -10.37 -3.86 6.95
C LYS D 176 -10.21 -4.86 8.10
N ILE D 177 -9.06 -5.51 8.14
CA ILE D 177 -8.91 -6.69 8.98
C ILE D 177 -8.76 -6.33 10.45
N ALA D 178 -8.03 -5.25 10.79
CA ALA D 178 -7.79 -4.96 12.20
C ALA D 178 -9.08 -4.62 12.94
N PRO D 179 -9.86 -3.60 12.53
CA PRO D 179 -11.11 -3.35 13.28
C PRO D 179 -12.09 -4.51 13.22
N TYR D 180 -12.05 -5.37 12.20
CA TYR D 180 -12.93 -6.53 12.19
C TYR D 180 -12.55 -7.53 13.27
N ILE D 181 -11.26 -7.89 13.34
CA ILE D 181 -10.80 -8.77 14.40
C ILE D 181 -11.10 -8.17 15.76
N ASP D 182 -10.89 -6.86 15.92
CA ASP D 182 -11.17 -6.24 17.20
C ASP D 182 -12.66 -6.36 17.54
N THR D 183 -13.52 -6.16 16.54
CA THR D 183 -14.96 -6.27 16.75
C THR D 183 -15.37 -7.69 17.13
N VAL D 184 -14.85 -8.69 16.40
CA VAL D 184 -15.22 -10.06 16.71
C VAL D 184 -14.76 -10.43 18.12
N ILE D 185 -13.59 -9.96 18.53
CA ILE D 185 -13.05 -10.32 19.83
C ILE D 185 -13.92 -9.77 20.93
N GLN D 186 -14.41 -8.54 20.75
CA GLN D 186 -15.29 -7.94 21.74
C GLN D 186 -16.68 -8.53 21.68
N LEU D 187 -17.06 -9.18 20.58
CA LEU D 187 -18.33 -9.87 20.52
C LEU D 187 -18.27 -11.22 21.22
N MET D 188 -17.18 -11.96 21.06
CA MET D 188 -17.15 -13.33 21.53
C MET D 188 -16.70 -13.39 22.99
N GLY D 189 -16.92 -14.54 23.60
CA GLY D 189 -16.41 -14.75 24.94
C GLY D 189 -14.94 -15.09 24.91
N ASP D 190 -14.52 -15.99 25.79
CA ASP D 190 -13.19 -16.58 25.66
C ASP D 190 -13.12 -17.44 24.39
N LEU D 191 -11.93 -17.55 23.81
CA LEU D 191 -11.72 -18.58 22.81
C LEU D 191 -11.91 -19.94 23.46
N LYS D 192 -12.56 -20.83 22.73
CA LYS D 192 -12.68 -22.21 23.17
C LYS D 192 -11.57 -23.04 22.53
N ARG D 193 -11.22 -24.14 23.19
CA ARG D 193 -10.25 -25.07 22.64
C ARG D 193 -11.03 -25.84 21.58
N ILE D 194 -10.38 -26.21 20.48
CA ILE D 194 -11.09 -26.88 19.42
C ILE D 194 -11.48 -28.31 19.82
#